data_5ZUR
#
_entry.id   5ZUR
#
_cell.length_a   158.665
_cell.length_b   158.665
_cell.length_c   118.061
_cell.angle_alpha   90.00
_cell.angle_beta   90.00
_cell.angle_gamma   90.00
#
_symmetry.space_group_name_H-M   'I 4 2 2'
#
loop_
_entity.id
_entity.type
_entity.pdbx_description
1 polymer Bacterioferritin
2 non-polymer 'PROTOPORPHYRIN IX CONTAINING FE'
3 non-polymer 'FE (II) ION'
4 non-polymer DI(HYDROXYETHYL)ETHER
5 non-polymer 'BARIUM ION'
6 non-polymer 'CHLORIDE ION'
7 water water
#
_entity_poly.entity_id   1
_entity_poly.type   'polypeptide(L)'
_entity_poly.pdbx_seq_one_letter_code
;MKGDKTVIQFLNKQLTNELTAINQYFLHARMLNHWGFDKLGKHEYEESIGEMKHADRLIARIFMLDGLPNLQDLHKLLIG
EDVPELLACDLKLEQAAHATVREAIAHCESVRDYVSRDLFQDILDDTEEHIDYLETQIDLIDKVGLQNYLQSQMSVPE
;
_entity_poly.pdbx_strand_id   A,B,C
#
loop_
_chem_comp.id
_chem_comp.type
_chem_comp.name
_chem_comp.formula
BA non-polymer 'BARIUM ION' 'Ba 2'
CL non-polymer 'CHLORIDE ION' 'Cl -1'
FE2 non-polymer 'FE (II) ION' 'Fe 2'
HEM non-polymer 'PROTOPORPHYRIN IX CONTAINING FE' 'C34 H32 Fe N4 O4'
PEG non-polymer DI(HYDROXYETHYL)ETHER 'C4 H10 O3'
#
# COMPACT_ATOMS: atom_id res chain seq x y z
N MET A 1 9.20 20.90 1.99
CA MET A 1 9.09 20.43 3.43
C MET A 1 10.51 20.04 3.84
N LYS A 2 10.85 20.01 5.13
CA LYS A 2 12.24 19.67 5.52
C LYS A 2 12.32 18.17 5.79
N GLY A 3 12.88 17.41 4.85
CA GLY A 3 13.00 15.94 5.06
C GLY A 3 14.15 15.63 6.01
N ASP A 4 14.12 14.46 6.64
CA ASP A 4 15.21 13.97 7.40
C ASP A 4 16.43 13.83 6.45
N LYS A 5 17.61 14.27 6.93
CA LYS A 5 18.79 14.31 6.05
C LYS A 5 19.23 12.90 5.67
N THR A 6 19.09 11.94 6.59
CA THR A 6 19.51 10.58 6.31
C THR A 6 18.53 9.92 5.33
N VAL A 7 17.23 10.22 5.46
CA VAL A 7 16.23 9.76 4.44
C VAL A 7 16.70 10.28 3.07
N ILE A 8 17.06 11.55 2.98
CA ILE A 8 17.45 12.07 1.64
C ILE A 8 18.73 11.32 1.15
N GLN A 9 19.63 11.05 2.08
CA GLN A 9 20.80 10.26 1.80
C GLN A 9 20.44 8.85 1.26
N PHE A 10 19.45 8.18 1.88
CA PHE A 10 19.02 6.90 1.35
C PHE A 10 18.34 7.09 0.00
N LEU A 11 17.51 8.14 -0.17
CA LEU A 11 16.88 8.33 -1.49
C LEU A 11 18.00 8.51 -2.56
N ASN A 12 19.05 9.29 -2.25
CA ASN A 12 20.19 9.47 -3.20
C ASN A 12 21.02 8.20 -3.38
N LYS A 13 21.22 7.42 -2.32
CA LYS A 13 21.91 6.11 -2.49
C LYS A 13 21.08 5.21 -3.41
N GLN A 14 19.76 5.10 -3.19
CA GLN A 14 18.98 4.23 -4.09
C GLN A 14 18.95 4.84 -5.51
N LEU A 15 18.86 6.18 -5.60
CA LEU A 15 19.00 6.83 -6.96
C LEU A 15 20.32 6.39 -7.67
N THR A 16 21.48 6.47 -7.01
CA THR A 16 22.72 5.97 -7.65
C THR A 16 22.55 4.52 -8.12
N ASN A 17 21.93 3.66 -7.29
CA ASN A 17 21.70 2.24 -7.68
C ASN A 17 20.81 2.21 -8.93
N GLU A 18 19.77 3.03 -8.98
CA GLU A 18 18.82 2.99 -10.11
C GLU A 18 19.52 3.48 -11.39
N LEU A 19 20.33 4.53 -11.25
CA LEU A 19 21.04 5.09 -12.45
C LEU A 19 22.00 4.02 -12.99
N THR A 20 22.68 3.33 -12.04
CA THR A 20 23.60 2.22 -12.40
C THR A 20 22.82 1.15 -13.18
N ALA A 21 21.65 0.79 -12.65
CA ALA A 21 20.81 -0.28 -13.28
C ALA A 21 20.25 0.18 -14.63
N ILE A 22 19.82 1.43 -14.75
CA ILE A 22 19.35 1.96 -16.08
C ILE A 22 20.42 1.65 -17.12
N ASN A 23 21.65 2.07 -16.82
CA ASN A 23 22.76 2.02 -17.80
C ASN A 23 23.13 0.57 -18.07
N GLN A 24 23.27 -0.23 -17.00
CA GLN A 24 23.64 -1.65 -17.18
C GLN A 24 22.59 -2.36 -18.05
N TYR A 25 21.30 -2.16 -17.73
CA TYR A 25 20.27 -2.92 -18.40
C TYR A 25 20.10 -2.38 -19.84
N PHE A 26 20.32 -1.08 -20.02
CA PHE A 26 20.21 -0.49 -21.35
C PHE A 26 21.34 -1.05 -22.24
N LEU A 27 22.55 -1.02 -21.71
CA LEU A 27 23.68 -1.56 -22.43
C LEU A 27 23.44 -3.06 -22.75
N HIS A 28 23.07 -3.84 -21.71
CA HIS A 28 22.78 -5.29 -21.90
C HIS A 28 21.68 -5.49 -22.96
N ALA A 29 20.66 -4.65 -22.94
CA ALA A 29 19.55 -4.77 -23.88
C ALA A 29 20.07 -4.60 -25.33
N ARG A 30 20.87 -3.56 -25.56
CA ARG A 30 21.30 -3.28 -26.94
C ARG A 30 22.37 -4.33 -27.35
N MET A 31 23.14 -4.83 -26.38
CA MET A 31 24.09 -5.91 -26.63
C MET A 31 23.33 -7.19 -27.04
N LEU A 32 22.24 -7.52 -26.36
CA LEU A 32 21.39 -8.66 -26.74
C LEU A 32 20.80 -8.44 -28.16
N ASN A 33 20.37 -7.23 -28.49
CA ASN A 33 19.91 -6.93 -29.88
C ASN A 33 21.04 -7.19 -30.89
N HIS A 34 22.21 -6.64 -30.63
CA HIS A 34 23.41 -6.83 -31.43
C HIS A 34 23.73 -8.34 -31.64
N TRP A 35 23.54 -9.17 -30.61
CA TRP A 35 23.81 -10.62 -30.69
C TRP A 35 22.67 -11.36 -31.43
N GLY A 36 21.54 -10.73 -31.65
CA GLY A 36 20.41 -11.40 -32.29
C GLY A 36 19.53 -12.12 -31.29
N PHE A 37 19.61 -11.75 -30.00
CA PHE A 37 18.70 -12.34 -29.01
C PHE A 37 17.65 -11.32 -28.60
N ASP A 38 16.78 -10.96 -29.55
CA ASP A 38 15.88 -9.80 -29.41
C ASP A 38 14.77 -10.02 -28.37
N LYS A 39 14.30 -11.25 -28.17
CA LYS A 39 13.26 -11.46 -27.18
C LYS A 39 13.81 -11.13 -25.80
N LEU A 40 15.00 -11.61 -25.47
CA LEU A 40 15.62 -11.30 -24.18
C LEU A 40 15.97 -9.80 -24.16
N GLY A 41 16.40 -9.25 -25.29
CA GLY A 41 16.77 -7.86 -25.35
C GLY A 41 15.61 -6.92 -25.08
N LYS A 42 14.44 -7.29 -25.61
CA LYS A 42 13.26 -6.52 -25.35
C LYS A 42 12.91 -6.53 -23.86
N HIS A 43 12.95 -7.70 -23.22
CA HIS A 43 12.68 -7.81 -21.77
C HIS A 43 13.70 -6.94 -20.98
N GLU A 44 14.96 -7.01 -21.38
CA GLU A 44 16.05 -6.21 -20.75
C GLU A 44 15.76 -4.69 -20.89
N TYR A 45 15.33 -4.28 -22.09
CA TYR A 45 15.00 -2.88 -22.39
C TYR A 45 13.88 -2.45 -21.44
N GLU A 46 12.83 -3.29 -21.30
CA GLU A 46 11.72 -2.93 -20.38
C GLU A 46 12.22 -2.83 -18.93
N GLU A 47 13.19 -3.64 -18.53
CA GLU A 47 13.75 -3.50 -17.16
C GLU A 47 14.48 -2.14 -17.03
N SER A 48 15.25 -1.70 -18.04
CA SER A 48 15.92 -0.40 -18.01
CA SER A 48 15.91 -0.41 -17.93
C SER A 48 14.86 0.71 -17.84
N ILE A 49 13.78 0.61 -18.60
CA ILE A 49 12.71 1.63 -18.52
C ILE A 49 12.12 1.60 -17.10
N GLY A 50 11.90 0.41 -16.52
CA GLY A 50 11.33 0.36 -15.17
C GLY A 50 12.26 1.08 -14.17
N GLU A 51 13.59 0.97 -14.36
CA GLU A 51 14.55 1.67 -13.46
C GLU A 51 14.52 3.18 -13.69
N MET A 52 14.24 3.62 -14.95
CA MET A 52 14.08 5.04 -15.20
C MET A 52 12.88 5.56 -14.40
N LYS A 53 11.81 4.76 -14.34
CA LYS A 53 10.61 5.20 -13.61
C LYS A 53 10.88 5.26 -12.09
N HIS A 54 11.58 4.26 -11.58
CA HIS A 54 12.04 4.30 -10.17
C HIS A 54 12.90 5.54 -9.91
N ALA A 55 13.87 5.82 -10.81
CA ALA A 55 14.76 6.99 -10.62
C ALA A 55 13.90 8.27 -10.60
N ASP A 56 12.91 8.33 -11.50
CA ASP A 56 12.06 9.53 -11.58
C ASP A 56 11.31 9.72 -10.25
N ARG A 57 10.74 8.65 -9.69
CA ARG A 57 10.04 8.75 -8.39
C ARG A 57 11.00 9.21 -7.29
N LEU A 58 12.22 8.66 -7.26
CA LEU A 58 13.17 9.07 -6.21
C LEU A 58 13.51 10.58 -6.31
N ILE A 59 13.81 11.04 -7.54
CA ILE A 59 14.15 12.43 -7.76
C ILE A 59 12.99 13.31 -7.30
N ALA A 60 11.76 12.99 -7.67
CA ALA A 60 10.64 13.84 -7.25
C ALA A 60 10.56 13.89 -5.72
N ARG A 61 10.74 12.74 -5.05
CA ARG A 61 10.62 12.71 -3.58
C ARG A 61 11.72 13.56 -2.95
N ILE A 62 12.96 13.42 -3.46
CA ILE A 62 14.06 14.23 -2.91
C ILE A 62 13.73 15.72 -3.01
N PHE A 63 13.21 16.18 -4.16
CA PHE A 63 12.90 17.64 -4.26
C PHE A 63 11.83 18.03 -3.21
N MET A 64 10.84 17.18 -3.02
CA MET A 64 9.73 17.47 -2.13
C MET A 64 10.28 17.65 -0.71
N LEU A 65 11.35 16.89 -0.40
CA LEU A 65 11.93 16.88 0.96
C LEU A 65 13.03 17.96 1.07
N ASP A 66 13.14 18.78 0.05
CA ASP A 66 14.06 19.89 0.03
C ASP A 66 15.50 19.41 -0.15
N GLY A 67 15.74 18.27 -0.78
CA GLY A 67 17.10 17.84 -0.95
C GLY A 67 17.52 18.08 -2.39
N LEU A 68 18.76 17.78 -2.73
CA LEU A 68 19.21 17.91 -4.14
C LEU A 68 19.49 16.49 -4.67
N PRO A 69 18.79 16.07 -5.72
CA PRO A 69 19.01 14.69 -6.24
C PRO A 69 20.42 14.62 -6.85
N ASN A 70 21.12 13.50 -6.61
CA ASN A 70 22.50 13.28 -7.12
C ASN A 70 22.39 12.42 -8.39
N LEU A 71 22.53 13.05 -9.56
CA LEU A 71 22.60 12.30 -10.84
C LEU A 71 24.05 12.26 -11.34
N GLN A 72 25.01 12.66 -10.51
CA GLN A 72 26.37 12.72 -10.97
C GLN A 72 27.08 11.36 -10.80
N ASP A 73 26.72 10.57 -9.81
CA ASP A 73 27.56 9.36 -9.42
C ASP A 73 26.99 8.09 -10.05
N LEU A 74 27.82 7.09 -10.29
CA LEU A 74 27.36 5.81 -10.81
C LEU A 74 28.22 4.73 -10.14
N HIS A 75 27.65 3.55 -9.85
CA HIS A 75 28.52 2.43 -9.46
C HIS A 75 29.19 1.83 -10.69
N LYS A 76 30.19 0.99 -10.46
CA LYS A 76 30.84 0.27 -11.56
C LYS A 76 29.80 -0.63 -12.24
N LEU A 77 29.62 -0.49 -13.56
CA LEU A 77 28.65 -1.34 -14.29
C LEU A 77 29.15 -2.79 -14.31
N LEU A 78 28.28 -3.77 -14.17
CA LEU A 78 28.73 -5.19 -14.23
C LEU A 78 28.28 -5.69 -15.62
N ILE A 79 29.23 -5.81 -16.55
CA ILE A 79 28.89 -6.02 -17.95
C ILE A 79 29.19 -7.46 -18.31
N GLY A 80 28.22 -8.19 -18.86
CA GLY A 80 28.53 -9.59 -19.17
C GLY A 80 29.13 -9.74 -20.56
N GLU A 81 29.84 -10.83 -20.77
CA GLU A 81 30.45 -11.08 -22.08
C GLU A 81 29.67 -12.15 -22.85
N ASP A 82 28.70 -12.78 -22.20
CA ASP A 82 27.79 -13.72 -22.89
C ASP A 82 26.48 -13.70 -22.08
N VAL A 83 25.47 -14.47 -22.48
CA VAL A 83 24.14 -14.31 -21.88
C VAL A 83 24.18 -14.84 -20.43
N PRO A 84 24.79 -16.00 -20.16
CA PRO A 84 24.80 -16.42 -18.74
C PRO A 84 25.45 -15.38 -17.82
N GLU A 85 26.54 -14.75 -18.25
CA GLU A 85 27.19 -13.75 -17.40
C GLU A 85 26.31 -12.49 -17.29
N LEU A 86 25.66 -12.11 -18.39
CA LEU A 86 24.78 -10.93 -18.41
C LEU A 86 23.73 -11.10 -17.29
N LEU A 87 23.07 -12.25 -17.28
CA LEU A 87 22.03 -12.49 -16.27
C LEU A 87 22.63 -12.48 -14.84
N ALA A 88 23.78 -13.10 -14.64
CA ALA A 88 24.40 -13.15 -13.31
C ALA A 88 24.79 -11.72 -12.86
N CYS A 89 25.29 -10.90 -13.80
CA CYS A 89 25.60 -9.48 -13.49
C CYS A 89 24.36 -8.71 -13.06
N ASP A 90 23.26 -8.84 -13.81
CA ASP A 90 22.05 -8.17 -13.42
C ASP A 90 21.62 -8.67 -12.03
N LEU A 91 21.76 -10.00 -11.77
CA LEU A 91 21.28 -10.55 -10.48
C LEU A 91 22.10 -9.91 -9.33
N LYS A 92 23.41 -9.82 -9.52
CA LYS A 92 24.29 -9.26 -8.49
C LYS A 92 23.93 -7.78 -8.24
N LEU A 93 23.64 -7.04 -9.30
CA LEU A 93 23.26 -5.65 -9.11
C LEU A 93 21.94 -5.52 -8.32
N GLU A 94 20.93 -6.30 -8.65
CA GLU A 94 19.66 -6.17 -7.93
C GLU A 94 19.81 -6.66 -6.48
N GLN A 95 20.57 -7.71 -6.22
CA GLN A 95 20.79 -8.16 -4.85
C GLN A 95 21.45 -7.06 -4.02
N ALA A 96 22.37 -6.30 -4.64
CA ALA A 96 23.03 -5.18 -3.89
C ALA A 96 22.01 -4.06 -3.63
N ALA A 97 21.19 -3.69 -4.61
CA ALA A 97 20.22 -2.65 -4.43
C ALA A 97 19.17 -3.06 -3.38
N HIS A 98 18.81 -4.35 -3.36
CA HIS A 98 17.82 -4.85 -2.38
C HIS A 98 18.25 -4.47 -0.95
N ALA A 99 19.53 -4.68 -0.64
CA ALA A 99 20.07 -4.33 0.68
C ALA A 99 19.90 -2.84 0.99
N THR A 100 20.16 -1.94 0.04
CA THR A 100 20.00 -0.51 0.31
C THR A 100 18.52 -0.18 0.65
N VAL A 101 17.60 -0.75 -0.15
CA VAL A 101 16.17 -0.46 -0.03
C VAL A 101 15.65 -0.97 1.31
N ARG A 102 16.06 -2.20 1.67
CA ARG A 102 15.61 -2.78 2.96
C ARG A 102 16.10 -1.90 4.12
N GLU A 103 17.37 -1.43 4.09
CA GLU A 103 17.86 -0.54 5.17
C GLU A 103 17.12 0.80 5.13
N ALA A 104 16.84 1.33 3.92
CA ALA A 104 16.10 2.63 3.79
C ALA A 104 14.71 2.53 4.46
N ILE A 105 14.01 1.40 4.29
CA ILE A 105 12.66 1.27 4.85
C ILE A 105 12.75 1.33 6.36
N ALA A 106 13.69 0.57 6.93
CA ALA A 106 13.80 0.56 8.41
C ALA A 106 14.14 1.98 8.90
N HIS A 107 15.01 2.72 8.17
CA HIS A 107 15.34 4.09 8.56
C HIS A 107 14.11 5.01 8.50
N CYS A 108 13.37 4.99 7.39
CA CYS A 108 12.15 5.82 7.21
C CYS A 108 11.19 5.53 8.37
N GLU A 109 11.04 4.25 8.70
CA GLU A 109 10.11 3.86 9.77
C GLU A 109 10.54 4.56 11.06
N SER A 110 11.86 4.48 11.35
CA SER A 110 12.38 4.97 12.63
C SER A 110 12.20 6.50 12.76
N VAL A 111 12.38 7.25 11.67
CA VAL A 111 12.28 8.77 11.72
C VAL A 111 10.84 9.21 11.38
N ARG A 112 9.93 8.26 11.22
CA ARG A 112 8.50 8.52 10.94
C ARG A 112 8.33 9.24 9.60
N ASP A 113 9.19 8.94 8.62
CA ASP A 113 8.94 9.38 7.23
C ASP A 113 8.19 8.25 6.53
N TYR A 114 6.91 8.12 6.88
CA TYR A 114 6.14 6.94 6.48
C TYR A 114 5.78 7.00 4.99
N VAL A 115 5.72 8.22 4.42
CA VAL A 115 5.43 8.32 2.94
C VAL A 115 6.70 7.88 2.18
N SER A 116 7.90 8.28 2.61
CA SER A 116 9.10 7.73 1.93
C SER A 116 9.18 6.20 2.12
N ARG A 117 8.83 5.69 3.30
CA ARG A 117 8.82 4.24 3.45
C ARG A 117 7.95 3.62 2.33
N ASP A 118 6.75 4.14 2.03
CA ASP A 118 5.84 3.47 1.03
C ASP A 118 6.51 3.51 -0.36
N LEU A 119 7.24 4.57 -0.70
CA LEU A 119 8.00 4.57 -1.99
C LEU A 119 9.03 3.39 -1.96
N PHE A 120 9.83 3.30 -0.91
CA PHE A 120 10.83 2.27 -0.86
C PHE A 120 10.17 0.88 -0.83
N GLN A 121 9.04 0.71 -0.15
CA GLN A 121 8.35 -0.62 -0.20
C GLN A 121 8.01 -0.98 -1.65
N ASP A 122 7.51 0.00 -2.45
CA ASP A 122 7.15 -0.29 -3.89
C ASP A 122 8.41 -0.72 -4.64
N ILE A 123 9.51 -0.02 -4.39
CA ILE A 123 10.75 -0.39 -5.04
C ILE A 123 11.18 -1.80 -4.64
N LEU A 124 11.10 -2.13 -3.35
CA LEU A 124 11.54 -3.45 -2.89
C LEU A 124 10.73 -4.58 -3.56
N ASP A 125 9.43 -4.37 -3.69
CA ASP A 125 8.51 -5.36 -4.36
C ASP A 125 8.97 -5.57 -5.81
N ASP A 126 9.21 -4.51 -6.57
CA ASP A 126 9.69 -4.59 -7.96
C ASP A 126 11.07 -5.25 -8.00
N THR A 127 11.96 -4.92 -7.07
CA THR A 127 13.28 -5.51 -7.02
C THR A 127 13.18 -7.04 -6.79
N GLU A 128 12.34 -7.49 -5.86
CA GLU A 128 12.28 -8.94 -5.65
C GLU A 128 11.67 -9.65 -6.86
N GLU A 129 10.70 -9.04 -7.48
CA GLU A 129 10.14 -9.66 -8.67
C GLU A 129 11.27 -9.82 -9.73
N HIS A 130 12.16 -8.83 -9.86
CA HIS A 130 13.19 -8.89 -10.89
C HIS A 130 14.23 -9.96 -10.46
N ILE A 131 14.55 -10.00 -9.18
CA ILE A 131 15.50 -11.04 -8.73
C ILE A 131 14.93 -12.43 -9.06
N ASP A 132 13.64 -12.62 -8.76
CA ASP A 132 12.97 -13.94 -9.01
C ASP A 132 13.07 -14.28 -10.52
N TYR A 133 12.81 -13.30 -11.37
CA TYR A 133 12.89 -13.50 -12.82
C TYR A 133 14.32 -13.96 -13.18
N LEU A 134 15.36 -13.29 -12.64
CA LEU A 134 16.75 -13.56 -13.04
C LEU A 134 17.14 -14.94 -12.52
N GLU A 135 16.77 -15.25 -11.29
CA GLU A 135 17.11 -16.56 -10.74
C GLU A 135 16.46 -17.66 -11.60
N THR A 136 15.23 -17.44 -12.06
CA THR A 136 14.52 -18.41 -12.89
C THR A 136 15.26 -18.59 -14.23
N GLN A 137 15.65 -17.50 -14.88
CA GLN A 137 16.35 -17.59 -16.17
C GLN A 137 17.65 -18.40 -16.01
N ILE A 138 18.42 -18.15 -14.93
CA ILE A 138 19.69 -18.82 -14.74
C ILE A 138 19.43 -20.32 -14.54
N ASP A 139 18.38 -20.69 -13.77
CA ASP A 139 18.06 -22.11 -13.62
C ASP A 139 17.56 -22.68 -14.96
N LEU A 140 16.82 -21.92 -15.78
CA LEU A 140 16.29 -22.50 -17.05
C LEU A 140 17.45 -22.92 -17.98
N ILE A 141 18.53 -22.12 -17.97
CA ILE A 141 19.69 -22.41 -18.81
C ILE A 141 20.19 -23.84 -18.54
N ASP A 142 20.28 -24.19 -17.27
CA ASP A 142 20.75 -25.50 -16.91
C ASP A 142 19.72 -26.56 -17.31
N LYS A 143 18.45 -26.27 -17.21
CA LYS A 143 17.45 -27.34 -17.48
C LYS A 143 17.24 -27.58 -19.00
N VAL A 144 17.17 -26.52 -19.77
CA VAL A 144 16.90 -26.67 -21.25
C VAL A 144 18.21 -26.76 -22.01
N GLY A 145 19.33 -26.44 -21.33
CA GLY A 145 20.66 -26.37 -21.98
C GLY A 145 20.88 -25.00 -22.65
N LEU A 146 22.12 -24.52 -22.66
CA LEU A 146 22.36 -23.11 -23.14
C LEU A 146 21.90 -22.92 -24.60
N GLN A 147 22.20 -23.90 -25.47
CA GLN A 147 21.92 -23.67 -26.91
C GLN A 147 20.40 -23.52 -27.10
N ASN A 148 19.59 -24.36 -26.41
CA ASN A 148 18.14 -24.21 -26.52
C ASN A 148 17.71 -22.89 -25.89
N TYR A 149 18.31 -22.54 -24.75
CA TYR A 149 17.88 -21.27 -24.10
C TYR A 149 18.12 -20.10 -25.07
N LEU A 150 19.32 -20.04 -25.68
CA LEU A 150 19.65 -18.99 -26.66
C LEU A 150 18.72 -19.05 -27.87
N GLN A 151 18.48 -20.27 -28.40
CA GLN A 151 17.53 -20.37 -29.52
C GLN A 151 16.19 -19.71 -29.15
N SER A 152 15.69 -19.97 -27.93
CA SER A 152 14.40 -19.43 -27.54
C SER A 152 14.47 -17.90 -27.43
N GLN A 153 15.65 -17.31 -27.35
CA GLN A 153 15.71 -15.83 -27.20
C GLN A 153 15.82 -15.11 -28.57
N MET A 154 15.91 -15.86 -29.69
CA MET A 154 16.14 -15.25 -31.00
C MET A 154 14.93 -14.46 -31.54
N MET B 1 15.15 -16.76 -4.16
CA MET B 1 15.67 -15.96 -3.00
C MET B 1 15.55 -16.83 -1.74
N LYS B 2 16.42 -16.65 -0.76
CA LYS B 2 16.30 -17.42 0.49
C LYS B 2 15.46 -16.63 1.47
N GLY B 3 14.20 -17.00 1.66
CA GLY B 3 13.37 -16.36 2.67
C GLY B 3 13.69 -16.80 4.09
N ASP B 4 13.32 -15.95 5.05
CA ASP B 4 13.39 -16.30 6.43
C ASP B 4 12.48 -17.52 6.66
N LYS B 5 12.99 -18.55 7.35
CA LYS B 5 12.20 -19.75 7.57
C LYS B 5 10.96 -19.49 8.44
N THR B 6 11.03 -18.57 9.40
CA THR B 6 9.85 -18.27 10.21
C THR B 6 8.82 -17.48 9.40
N VAL B 7 9.25 -16.63 8.45
CA VAL B 7 8.27 -15.99 7.56
C VAL B 7 7.59 -17.08 6.73
N ILE B 8 8.37 -18.00 6.19
CA ILE B 8 7.75 -19.09 5.40
C ILE B 8 6.78 -19.90 6.29
N GLN B 9 7.16 -20.15 7.54
CA GLN B 9 6.23 -20.88 8.40
C GLN B 9 4.93 -20.08 8.61
N PHE B 10 4.99 -18.75 8.79
CA PHE B 10 3.76 -17.95 8.85
C PHE B 10 2.99 -18.01 7.52
N LEU B 11 3.67 -17.96 6.37
CA LEU B 11 2.94 -17.99 5.08
C LEU B 11 2.18 -19.34 5.00
N ASN B 12 2.85 -20.41 5.41
CA ASN B 12 2.22 -21.76 5.44
C ASN B 12 1.09 -21.85 6.49
N LYS B 13 1.25 -21.24 7.68
CA LYS B 13 0.16 -21.26 8.65
C LYS B 13 -1.06 -20.53 8.07
N GLN B 14 -0.81 -19.38 7.45
CA GLN B 14 -1.95 -18.64 6.90
C GLN B 14 -2.52 -19.41 5.70
N LEU B 15 -1.65 -20.10 4.94
CA LEU B 15 -2.16 -20.91 3.79
C LEU B 15 -3.13 -21.99 4.33
N THR B 16 -2.78 -22.66 5.42
CA THR B 16 -3.74 -23.67 6.00
C THR B 16 -5.05 -22.98 6.41
N ASN B 17 -4.96 -21.79 6.99
CA ASN B 17 -6.18 -21.04 7.36
C ASN B 17 -7.01 -20.77 6.09
N GLU B 18 -6.36 -20.36 4.99
CA GLU B 18 -7.11 -19.97 3.77
C GLU B 18 -7.75 -21.24 3.17
N LEU B 19 -7.02 -22.36 3.22
CA LEU B 19 -7.52 -23.61 2.62
C LEU B 19 -8.74 -24.05 3.44
N THR B 20 -8.64 -23.94 4.77
CA THR B 20 -9.78 -24.30 5.59
C THR B 20 -10.99 -23.44 5.17
N ALA B 21 -10.75 -22.12 5.05
CA ALA B 21 -11.86 -21.17 4.71
C ALA B 21 -12.41 -21.45 3.31
N ILE B 22 -11.55 -21.70 2.30
CA ILE B 22 -12.10 -22.03 0.99
C ILE B 22 -13.18 -23.13 1.14
N ASN B 23 -12.82 -24.20 1.81
CA ASN B 23 -13.68 -25.39 1.93
C ASN B 23 -14.93 -25.10 2.79
N GLN B 24 -14.73 -24.43 3.91
CA GLN B 24 -15.90 -24.08 4.77
C GLN B 24 -16.89 -23.19 4.01
N TYR B 25 -16.38 -22.18 3.31
CA TYR B 25 -17.28 -21.26 2.66
C TYR B 25 -17.88 -21.91 1.41
N PHE B 26 -17.11 -22.77 0.71
CA PHE B 26 -17.69 -23.44 -0.47
C PHE B 26 -18.84 -24.33 0.00
N LEU B 27 -18.58 -25.13 1.03
CA LEU B 27 -19.56 -26.03 1.52
C LEU B 27 -20.81 -25.25 1.97
N HIS B 28 -20.57 -24.16 2.72
CA HIS B 28 -21.68 -23.28 3.19
C HIS B 28 -22.44 -22.68 2.01
N ALA B 29 -21.74 -22.32 0.94
CA ALA B 29 -22.38 -21.69 -0.21
C ALA B 29 -23.33 -22.71 -0.88
N ARG B 30 -22.85 -23.94 -1.08
CA ARG B 30 -23.68 -24.97 -1.72
C ARG B 30 -24.80 -25.40 -0.77
N MET B 31 -24.57 -25.37 0.54
CA MET B 31 -25.60 -25.69 1.49
C MET B 31 -26.73 -24.64 1.41
N LEU B 32 -26.36 -23.36 1.32
CA LEU B 32 -27.33 -22.24 1.15
C LEU B 32 -28.12 -22.40 -0.15
N ASN B 33 -27.44 -22.79 -1.24
CA ASN B 33 -28.18 -23.06 -2.51
C ASN B 33 -29.17 -24.20 -2.29
N HIS B 34 -28.76 -25.26 -1.63
CA HIS B 34 -29.60 -26.41 -1.36
C HIS B 34 -30.83 -26.01 -0.53
N TRP B 35 -30.66 -25.09 0.42
CA TRP B 35 -31.76 -24.60 1.30
C TRP B 35 -32.63 -23.60 0.55
N GLY B 36 -32.21 -23.08 -0.59
CA GLY B 36 -33.01 -22.10 -1.35
C GLY B 36 -32.73 -20.67 -0.93
N PHE B 37 -31.59 -20.46 -0.23
CA PHE B 37 -31.15 -19.09 0.13
C PHE B 37 -30.04 -18.65 -0.82
N ASP B 38 -30.38 -18.53 -2.10
CA ASP B 38 -29.36 -18.39 -3.13
C ASP B 38 -28.68 -17.02 -3.07
N LYS B 39 -29.34 -15.98 -2.58
CA LYS B 39 -28.66 -14.64 -2.47
C LYS B 39 -27.48 -14.72 -1.50
N LEU B 40 -27.77 -15.28 -0.33
CA LEU B 40 -26.69 -15.46 0.67
C LEU B 40 -25.69 -16.49 0.11
N GLY B 41 -26.19 -17.51 -0.61
CA GLY B 41 -25.31 -18.54 -1.15
C GLY B 41 -24.36 -17.98 -2.18
N LYS B 42 -24.82 -17.00 -2.98
CA LYS B 42 -23.93 -16.39 -3.95
C LYS B 42 -22.83 -15.58 -3.24
N HIS B 43 -23.17 -14.86 -2.18
CA HIS B 43 -22.20 -14.07 -1.46
C HIS B 43 -21.17 -15.01 -0.81
N GLU B 44 -21.67 -16.11 -0.28
CA GLU B 44 -20.79 -17.05 0.43
C GLU B 44 -19.80 -17.65 -0.61
N TYR B 45 -20.33 -17.93 -1.80
CA TYR B 45 -19.51 -18.51 -2.90
C TYR B 45 -18.39 -17.53 -3.26
N GLU B 46 -18.73 -16.23 -3.34
CA GLU B 46 -17.73 -15.17 -3.69
C GLU B 46 -16.69 -15.03 -2.57
N GLU B 47 -17.09 -15.27 -1.31
CA GLU B 47 -16.07 -15.29 -0.23
C GLU B 47 -15.12 -16.50 -0.41
N SER B 48 -15.64 -17.67 -0.80
CA SER B 48 -14.80 -18.84 -1.06
C SER B 48 -13.78 -18.49 -2.17
N ILE B 49 -14.27 -17.90 -3.26
CA ILE B 49 -13.39 -17.49 -4.38
C ILE B 49 -12.33 -16.51 -3.84
N GLY B 50 -12.74 -15.57 -2.96
CA GLY B 50 -11.77 -14.63 -2.42
C GLY B 50 -10.67 -15.38 -1.64
N GLU B 51 -11.02 -16.42 -0.88
CA GLU B 51 -9.99 -17.21 -0.18
C GLU B 51 -9.10 -17.98 -1.17
N MET B 52 -9.67 -18.47 -2.30
CA MET B 52 -8.80 -19.14 -3.26
C MET B 52 -7.73 -18.15 -3.77
N LYS B 53 -8.12 -16.87 -3.96
CA LYS B 53 -7.17 -15.86 -4.44
C LYS B 53 -6.09 -15.59 -3.38
N HIS B 54 -6.50 -15.50 -2.09
CA HIS B 54 -5.51 -15.33 -1.02
C HIS B 54 -4.61 -16.55 -1.01
N ALA B 55 -5.16 -17.75 -1.08
CA ALA B 55 -4.28 -18.96 -1.09
C ALA B 55 -3.26 -18.86 -2.24
N ASP B 56 -3.73 -18.49 -3.42
CA ASP B 56 -2.87 -18.41 -4.61
C ASP B 56 -1.70 -17.43 -4.35
N ARG B 57 -1.99 -16.24 -3.80
CA ARG B 57 -0.93 -15.29 -3.46
C ARG B 57 0.06 -15.85 -2.44
N LEU B 58 -0.42 -16.56 -1.43
CA LEU B 58 0.54 -17.09 -0.48
C LEU B 58 1.41 -18.16 -1.12
N ILE B 59 0.81 -19.03 -1.92
CA ILE B 59 1.59 -20.11 -2.58
C ILE B 59 2.68 -19.46 -3.44
N ALA B 60 2.34 -18.43 -4.23
CA ALA B 60 3.36 -17.81 -5.09
C ALA B 60 4.50 -17.27 -4.22
N ARG B 61 4.14 -16.60 -3.12
CA ARG B 61 5.15 -15.96 -2.23
C ARG B 61 6.06 -17.04 -1.64
N ILE B 62 5.49 -18.16 -1.22
CA ILE B 62 6.29 -19.22 -0.62
C ILE B 62 7.31 -19.74 -1.65
N PHE B 63 6.88 -20.01 -2.88
CA PHE B 63 7.84 -20.48 -3.93
C PHE B 63 8.93 -19.41 -4.12
N MET B 64 8.55 -18.13 -4.21
CA MET B 64 9.57 -17.09 -4.44
C MET B 64 10.62 -17.12 -3.33
N LEU B 65 10.23 -17.51 -2.10
CA LEU B 65 11.19 -17.47 -1.00
C LEU B 65 11.88 -18.82 -0.81
N ASP B 66 11.70 -19.73 -1.78
CA ASP B 66 12.41 -21.00 -1.81
C ASP B 66 11.82 -21.96 -0.76
N GLY B 67 10.53 -21.82 -0.44
CA GLY B 67 9.92 -22.72 0.52
C GLY B 67 9.00 -23.67 -0.24
N LEU B 68 8.40 -24.63 0.47
CA LEU B 68 7.45 -25.53 -0.17
C LEU B 68 6.06 -25.25 0.42
N PRO B 69 5.09 -24.86 -0.42
CA PRO B 69 3.70 -24.55 0.05
C PRO B 69 3.05 -25.84 0.57
N ASN B 70 2.37 -25.71 1.71
CA ASN B 70 1.70 -26.84 2.34
C ASN B 70 0.21 -26.87 1.93
N LEU B 71 -0.18 -27.76 1.00
CA LEU B 71 -1.58 -27.91 0.63
C LEU B 71 -2.16 -29.20 1.24
N GLN B 72 -1.40 -29.87 2.11
CA GLN B 72 -1.80 -31.18 2.61
C GLN B 72 -2.73 -31.01 3.83
N ASP B 73 -2.56 -29.96 4.61
CA ASP B 73 -3.23 -29.88 5.94
C ASP B 73 -4.44 -28.94 5.86
N LEU B 74 -5.35 -29.14 6.81
CA LEU B 74 -6.59 -28.37 6.88
C LEU B 74 -6.98 -28.34 8.36
N HIS B 75 -7.50 -27.22 8.86
CA HIS B 75 -8.08 -27.23 10.21
C HIS B 75 -9.48 -27.89 10.15
N LYS B 76 -10.04 -28.16 11.32
CA LYS B 76 -11.38 -28.73 11.40
C LYS B 76 -12.38 -27.70 10.83
N LEU B 77 -13.19 -28.08 9.86
CA LEU B 77 -14.21 -27.13 9.30
C LEU B 77 -15.25 -26.83 10.39
N LEU B 78 -15.73 -25.59 10.46
CA LEU B 78 -16.86 -25.28 11.40
C LEU B 78 -18.12 -25.17 10.53
N ILE B 79 -18.92 -26.23 10.55
CA ILE B 79 -20.04 -26.39 9.64
C ILE B 79 -21.33 -26.02 10.37
N GLY B 80 -22.09 -25.05 9.87
CA GLY B 80 -23.35 -24.70 10.58
C GLY B 80 -24.52 -25.63 10.22
N GLU B 81 -25.52 -25.73 11.07
CA GLU B 81 -26.68 -26.53 10.73
C GLU B 81 -27.86 -25.66 10.31
N ASP B 82 -27.72 -24.34 10.41
CA ASP B 82 -28.76 -23.40 9.97
C ASP B 82 -28.05 -22.09 9.67
N VAL B 83 -28.78 -21.08 9.18
CA VAL B 83 -28.16 -19.88 8.70
C VAL B 83 -27.48 -19.14 9.87
N PRO B 84 -28.16 -18.95 11.04
CA PRO B 84 -27.45 -18.26 12.16
C PRO B 84 -26.12 -18.94 12.56
N GLU B 85 -26.10 -20.26 12.63
CA GLU B 85 -24.88 -20.97 13.05
C GLU B 85 -23.80 -20.87 11.96
N LEU B 86 -24.22 -21.00 10.70
CA LEU B 86 -23.31 -20.84 9.51
C LEU B 86 -22.58 -19.50 9.60
N LEU B 87 -23.32 -18.41 9.83
CA LEU B 87 -22.62 -17.10 9.91
C LEU B 87 -21.66 -17.07 11.13
N ALA B 88 -22.08 -17.61 12.28
CA ALA B 88 -21.25 -17.61 13.51
C ALA B 88 -19.99 -18.47 13.28
N CYS B 89 -20.14 -19.61 12.59
CA CYS B 89 -18.98 -20.47 12.24
C CYS B 89 -17.98 -19.71 11.34
N ASP B 90 -18.50 -19.01 10.34
CA ASP B 90 -17.59 -18.20 9.46
C ASP B 90 -16.88 -17.11 10.28
N LEU B 91 -17.60 -16.47 11.20
CA LEU B 91 -17.01 -15.41 12.00
C LEU B 91 -15.88 -15.98 12.89
N LYS B 92 -16.14 -17.12 13.55
CA LYS B 92 -15.09 -17.72 14.38
C LYS B 92 -13.88 -18.02 13.51
N LEU B 93 -14.09 -18.49 12.29
CA LEU B 93 -12.94 -18.87 11.45
C LEU B 93 -12.12 -17.63 11.10
N GLU B 94 -12.81 -16.54 10.69
CA GLU B 94 -12.11 -15.30 10.29
C GLU B 94 -11.43 -14.65 11.50
N GLN B 95 -12.04 -14.71 12.68
CA GLN B 95 -11.39 -14.15 13.90
C GLN B 95 -10.07 -14.90 14.19
N ALA B 96 -10.09 -16.24 14.07
CA ALA B 96 -8.83 -17.01 14.32
C ALA B 96 -7.78 -16.66 13.23
N ALA B 97 -8.20 -16.53 11.97
CA ALA B 97 -7.24 -16.21 10.90
C ALA B 97 -6.69 -14.79 11.10
N HIS B 98 -7.55 -13.84 11.52
CA HIS B 98 -7.06 -12.48 11.83
C HIS B 98 -5.89 -12.52 12.85
N ALA B 99 -6.01 -13.33 13.90
CA ALA B 99 -4.95 -13.49 14.91
C ALA B 99 -3.64 -13.95 14.22
N THR B 100 -3.69 -14.90 13.30
CA THR B 100 -2.46 -15.41 12.61
C THR B 100 -1.81 -14.28 11.78
N VAL B 101 -2.62 -13.57 11.02
CA VAL B 101 -2.09 -12.61 10.08
C VAL B 101 -1.46 -11.45 10.88
N ARG B 102 -2.12 -11.02 11.94
CA ARG B 102 -1.61 -9.91 12.73
C ARG B 102 -0.23 -10.29 13.33
N GLU B 103 -0.11 -11.53 13.83
CA GLU B 103 1.19 -12.04 14.36
C GLU B 103 2.23 -12.11 13.22
N ALA B 104 1.78 -12.54 12.02
CA ALA B 104 2.70 -12.70 10.89
C ALA B 104 3.24 -11.32 10.47
N ILE B 105 2.39 -10.30 10.48
CA ILE B 105 2.83 -8.96 10.12
C ILE B 105 3.94 -8.50 11.08
N ALA B 106 3.68 -8.67 12.37
CA ALA B 106 4.67 -8.23 13.38
C ALA B 106 6.00 -8.96 13.15
N HIS B 107 5.93 -10.26 12.85
CA HIS B 107 7.17 -11.06 12.60
C HIS B 107 7.88 -10.58 11.33
N CYS B 108 7.14 -10.39 10.22
CA CYS B 108 7.76 -9.87 8.94
C CYS B 108 8.48 -8.55 9.22
N GLU B 109 7.85 -7.69 9.99
CA GLU B 109 8.42 -6.39 10.30
C GLU B 109 9.75 -6.60 11.06
N SER B 110 9.72 -7.46 12.07
CA SER B 110 10.89 -7.64 12.96
C SER B 110 12.06 -8.26 12.16
N VAL B 111 11.80 -9.05 11.11
CA VAL B 111 12.95 -9.60 10.36
C VAL B 111 13.14 -8.86 9.05
N ARG B 112 12.38 -7.78 8.84
CA ARG B 112 12.59 -6.91 7.66
CA ARG B 112 12.55 -6.91 7.68
C ARG B 112 12.29 -7.67 6.38
N ASP B 113 11.29 -8.57 6.41
CA ASP B 113 10.72 -9.06 5.12
C ASP B 113 9.50 -8.17 4.78
N TYR B 114 9.76 -6.99 4.20
CA TYR B 114 8.73 -5.98 4.07
C TYR B 114 7.76 -6.30 2.93
N VAL B 115 8.21 -7.03 1.92
CA VAL B 115 7.30 -7.43 0.84
C VAL B 115 6.30 -8.45 1.40
N SER B 116 6.75 -9.42 2.19
CA SER B 116 5.81 -10.39 2.76
C SER B 116 4.87 -9.65 3.74
N ARG B 117 5.38 -8.66 4.48
CA ARG B 117 4.47 -7.86 5.31
C ARG B 117 3.37 -7.27 4.42
N ASP B 118 3.67 -6.70 3.22
CA ASP B 118 2.61 -6.07 2.42
C ASP B 118 1.55 -7.11 1.98
N LEU B 119 1.94 -8.34 1.70
CA LEU B 119 0.94 -9.38 1.34
C LEU B 119 0.00 -9.62 2.55
N PHE B 120 0.58 -9.83 3.72
CA PHE B 120 -0.20 -10.03 4.91
C PHE B 120 -1.11 -8.84 5.21
N GLN B 121 -0.61 -7.61 5.01
CA GLN B 121 -1.48 -6.42 5.24
C GLN B 121 -2.74 -6.47 4.36
N ASP B 122 -2.58 -6.81 3.09
CA ASP B 122 -3.74 -6.88 2.15
C ASP B 122 -4.72 -7.93 2.67
N ILE B 123 -4.19 -9.06 3.13
CA ILE B 123 -5.10 -10.13 3.62
C ILE B 123 -5.80 -9.62 4.88
N LEU B 124 -5.09 -8.88 5.75
CA LEU B 124 -5.70 -8.44 6.99
C LEU B 124 -6.92 -7.54 6.72
N ASP B 125 -6.72 -6.63 5.80
CA ASP B 125 -7.76 -5.66 5.35
C ASP B 125 -8.98 -6.44 4.82
N ASP B 126 -8.78 -7.37 3.89
CA ASP B 126 -9.86 -8.25 3.42
C ASP B 126 -10.54 -8.99 4.58
N THR B 127 -9.75 -9.49 5.52
CA THR B 127 -10.30 -10.27 6.61
C THR B 127 -11.20 -9.38 7.51
N GLU B 128 -10.76 -8.14 7.81
CA GLU B 128 -11.60 -7.24 8.64
C GLU B 128 -12.90 -6.87 7.89
N GLU B 129 -12.82 -6.73 6.59
CA GLU B 129 -14.07 -6.42 5.81
C GLU B 129 -15.07 -7.59 5.95
N HIS B 130 -14.53 -8.81 5.89
CA HIS B 130 -15.34 -10.02 5.99
C HIS B 130 -15.91 -10.12 7.41
N ILE B 131 -15.07 -9.89 8.44
CA ILE B 131 -15.56 -9.92 9.82
C ILE B 131 -16.69 -8.87 10.01
N ASP B 132 -16.47 -7.64 9.52
CA ASP B 132 -17.50 -6.61 9.62
C ASP B 132 -18.80 -7.09 8.92
N TYR B 133 -18.71 -7.65 7.71
CA TYR B 133 -19.90 -8.13 7.01
C TYR B 133 -20.64 -9.17 7.88
N LEU B 134 -19.91 -10.13 8.44
CA LEU B 134 -20.52 -11.23 9.22
C LEU B 134 -21.17 -10.69 10.50
N GLU B 135 -20.49 -9.77 11.19
CA GLU B 135 -21.05 -9.23 12.45
C GLU B 135 -22.36 -8.49 12.09
N THR B 136 -22.34 -7.77 10.98
CA THR B 136 -23.53 -7.03 10.53
C THR B 136 -24.69 -8.01 10.22
N GLN B 137 -24.42 -9.12 9.53
CA GLN B 137 -25.50 -10.10 9.22
C GLN B 137 -26.08 -10.67 10.52
N ILE B 138 -25.24 -11.00 11.49
CA ILE B 138 -25.72 -11.55 12.75
C ILE B 138 -26.60 -10.50 13.45
N ASP B 139 -26.20 -9.23 13.44
CA ASP B 139 -27.06 -8.19 14.05
C ASP B 139 -28.36 -7.99 13.27
N LEU B 140 -28.32 -8.08 11.94
CA LEU B 140 -29.55 -7.86 11.11
C LEU B 140 -30.60 -8.92 11.46
N ILE B 141 -30.15 -10.16 11.64
CA ILE B 141 -31.06 -11.26 12.00
C ILE B 141 -31.87 -10.86 13.24
N ASP B 142 -31.19 -10.28 14.20
CA ASP B 142 -31.83 -9.86 15.40
C ASP B 142 -32.79 -8.68 15.15
N LYS B 143 -32.44 -7.75 14.26
CA LYS B 143 -33.27 -6.53 14.12
C LYS B 143 -34.48 -6.80 13.20
N VAL B 144 -34.31 -7.52 12.10
CA VAL B 144 -35.44 -7.73 11.13
C VAL B 144 -36.17 -9.02 11.52
N GLY B 145 -35.53 -9.83 12.36
CA GLY B 145 -36.10 -11.13 12.73
C GLY B 145 -35.64 -12.21 11.75
N LEU B 146 -35.42 -13.42 12.25
CA LEU B 146 -34.87 -14.53 11.39
C LEU B 146 -35.75 -14.80 10.17
N GLN B 147 -37.08 -14.89 10.37
CA GLN B 147 -37.92 -15.22 9.19
C GLN B 147 -37.80 -14.15 8.09
N ASN B 148 -37.77 -12.85 8.44
CA ASN B 148 -37.54 -11.82 7.42
C ASN B 148 -36.14 -11.95 6.83
N TYR B 149 -35.13 -12.20 7.68
CA TYR B 149 -33.73 -12.27 7.18
C TYR B 149 -33.67 -13.35 6.09
N LEU B 150 -34.21 -14.53 6.41
CA LEU B 150 -34.19 -15.70 5.46
C LEU B 150 -35.02 -15.38 4.19
N GLN B 151 -36.17 -14.74 4.38
CA GLN B 151 -36.97 -14.30 3.23
C GLN B 151 -36.12 -13.47 2.30
N SER B 152 -35.38 -12.52 2.87
CA SER B 152 -34.57 -11.64 2.06
C SER B 152 -33.42 -12.38 1.36
N GLN B 153 -33.03 -13.56 1.84
CA GLN B 153 -31.94 -14.34 1.17
C GLN B 153 -32.47 -15.31 0.07
N MET B 154 -33.79 -15.41 -0.17
CA MET B 154 -34.37 -16.40 -1.13
C MET B 154 -34.00 -16.16 -2.60
N SER B 155 -34.05 -14.92 -3.10
CA SER B 155 -33.95 -14.65 -4.61
C SER B 155 -35.33 -14.77 -5.30
N MET C 1 -16.38 -5.07 15.32
CA MET C 1 -15.08 -5.58 15.91
C MET C 1 -14.71 -4.62 17.06
N LYS C 2 -13.98 -5.05 18.08
CA LYS C 2 -13.67 -4.10 19.17
C LYS C 2 -12.30 -3.50 18.87
N GLY C 3 -12.29 -2.26 18.38
CA GLY C 3 -11.00 -1.53 18.15
C GLY C 3 -10.35 -1.04 19.42
N ASP C 4 -9.06 -0.71 19.34
CA ASP C 4 -8.29 -0.15 20.46
C ASP C 4 -8.86 1.26 20.72
N LYS C 5 -9.10 1.59 21.99
CA LYS C 5 -9.76 2.85 22.30
C LYS C 5 -8.87 4.04 21.91
N THR C 6 -7.57 3.92 22.08
CA THR C 6 -6.65 5.00 21.70
C THR C 6 -6.54 5.10 20.16
N VAL C 7 -6.65 3.99 19.43
CA VAL C 7 -6.71 4.13 17.93
C VAL C 7 -7.96 4.95 17.57
N ILE C 8 -9.12 4.60 18.19
CA ILE C 8 -10.37 5.34 17.89
C ILE C 8 -10.19 6.83 18.26
N GLN C 9 -9.52 7.09 19.39
CA GLN C 9 -9.23 8.48 19.76
C GLN C 9 -8.41 9.20 18.68
N PHE C 10 -7.39 8.54 18.09
CA PHE C 10 -6.62 9.16 17.00
C PHE C 10 -7.49 9.35 15.76
N LEU C 11 -8.32 8.35 15.45
CA LEU C 11 -9.21 8.49 14.27
C LEU C 11 -10.12 9.73 14.49
N ASN C 12 -10.70 9.87 15.67
CA ASN C 12 -11.55 11.07 16.00
C ASN C 12 -10.73 12.37 16.01
N LYS C 13 -9.50 12.36 16.55
CA LYS C 13 -8.65 13.57 16.48
C LYS C 13 -8.41 13.99 15.02
N GLN C 14 -8.05 13.06 14.18
CA GLN C 14 -7.84 13.39 12.80
C GLN C 14 -9.18 13.76 12.13
N LEU C 15 -10.28 13.10 12.51
CA LEU C 15 -11.59 13.50 11.96
C LEU C 15 -11.85 15.00 12.30
N THR C 16 -11.59 15.43 13.53
CA THR C 16 -11.68 16.89 13.89
C THR C 16 -10.79 17.72 12.98
N ASN C 17 -9.55 17.24 12.71
CA ASN C 17 -8.66 18.02 11.80
C ASN C 17 -9.32 18.12 10.43
N GLU C 18 -9.86 17.00 9.90
CA GLU C 18 -10.39 16.98 8.56
C GLU C 18 -11.64 17.89 8.47
N LEU C 19 -12.51 17.86 9.48
CA LEU C 19 -13.74 18.69 9.44
C LEU C 19 -13.33 20.17 9.43
N THR C 20 -12.30 20.48 10.22
CA THR C 20 -11.84 21.88 10.28
C THR C 20 -11.34 22.25 8.88
N ALA C 21 -10.59 21.35 8.24
CA ALA C 21 -10.05 21.66 6.89
C ALA C 21 -11.17 21.74 5.84
N ILE C 22 -12.17 20.84 5.86
CA ILE C 22 -13.32 20.98 4.93
C ILE C 22 -13.80 22.44 4.98
N ASN C 23 -14.08 22.89 6.20
CA ASN C 23 -14.73 24.20 6.34
C ASN C 23 -13.76 25.32 5.96
N GLN C 24 -12.53 25.28 6.45
CA GLN C 24 -11.57 26.34 6.07
C GLN C 24 -11.41 26.41 4.55
N TYR C 25 -11.24 25.27 3.89
CA TYR C 25 -10.98 25.27 2.46
C TYR C 25 -12.26 25.63 1.70
N PHE C 26 -13.43 25.18 2.16
CA PHE C 26 -14.65 25.57 1.44
C PHE C 26 -14.83 27.11 1.53
N LEU C 27 -14.63 27.65 2.72
CA LEU C 27 -14.81 29.09 2.92
C LEU C 27 -13.79 29.83 2.05
N HIS C 28 -12.53 29.35 2.09
CA HIS C 28 -11.48 29.99 1.28
C HIS C 28 -11.86 29.86 -0.19
N ALA C 29 -12.40 28.70 -0.58
CA ALA C 29 -12.73 28.54 -2.04
C ALA C 29 -13.75 29.61 -2.46
N ARG C 30 -14.79 29.77 -1.63
CA ARG C 30 -15.89 30.68 -2.04
C ARG C 30 -15.43 32.12 -1.91
N MET C 31 -14.53 32.41 -0.97
CA MET C 31 -13.94 33.72 -0.85
C MET C 31 -13.11 34.06 -2.11
N LEU C 32 -12.35 33.09 -2.59
CA LEU C 32 -11.56 33.27 -3.85
C LEU C 32 -12.49 33.52 -5.07
N ASN C 33 -13.61 32.83 -5.15
CA ASN C 33 -14.60 33.11 -6.21
C ASN C 33 -15.12 34.54 -6.04
N HIS C 34 -15.43 34.93 -4.81
CA HIS C 34 -15.95 36.25 -4.52
C HIS C 34 -14.93 37.31 -4.97
N TRP C 35 -13.64 37.07 -4.75
CA TRP C 35 -12.57 37.98 -5.14
C TRP C 35 -12.28 37.93 -6.64
N GLY C 36 -12.82 36.97 -7.37
CA GLY C 36 -12.58 36.87 -8.83
C GLY C 36 -11.33 36.05 -9.15
N PHE C 37 -10.83 35.26 -8.18
CA PHE C 37 -9.67 34.41 -8.42
C PHE C 37 -10.13 32.96 -8.59
N ASP C 38 -10.96 32.72 -9.62
CA ASP C 38 -11.71 31.47 -9.84
C ASP C 38 -10.78 30.26 -10.03
N LYS C 39 -9.62 30.44 -10.66
CA LYS C 39 -8.73 29.32 -10.88
C LYS C 39 -8.24 28.77 -9.54
N LEU C 40 -7.80 29.67 -8.67
CA LEU C 40 -7.30 29.26 -7.36
C LEU C 40 -8.51 28.76 -6.55
N GLY C 41 -9.69 29.38 -6.73
CA GLY C 41 -10.91 28.98 -6.02
C GLY C 41 -11.31 27.56 -6.40
N LYS C 42 -11.16 27.20 -7.68
CA LYS C 42 -11.54 25.86 -8.10
C LYS C 42 -10.60 24.84 -7.45
N HIS C 43 -9.31 25.13 -7.37
CA HIS C 43 -8.37 24.23 -6.77
C HIS C 43 -8.68 24.09 -5.26
N GLU C 44 -8.99 25.19 -4.58
CA GLU C 44 -9.25 25.19 -3.14
C GLU C 44 -10.53 24.38 -2.85
N TYR C 45 -11.50 24.50 -3.76
CA TYR C 45 -12.79 23.74 -3.69
C TYR C 45 -12.47 22.24 -3.78
N GLU C 46 -11.60 21.83 -4.72
CA GLU C 46 -11.22 20.42 -4.85
C GLU C 46 -10.47 19.96 -3.60
N GLU C 47 -9.68 20.84 -2.94
CA GLU C 47 -9.02 20.40 -1.70
C GLU C 47 -10.08 20.17 -0.63
N SER C 48 -11.12 21.01 -0.57
CA SER C 48 -12.21 20.81 0.43
C SER C 48 -12.88 19.45 0.19
N ILE C 49 -13.19 19.17 -1.07
CA ILE C 49 -13.81 17.86 -1.43
C ILE C 49 -12.90 16.70 -1.01
N GLY C 50 -11.58 16.85 -1.25
CA GLY C 50 -10.62 15.84 -0.81
C GLY C 50 -10.71 15.63 0.70
N GLU C 51 -10.86 16.68 1.48
CA GLU C 51 -10.98 16.52 2.95
C GLU C 51 -12.33 15.87 3.32
N MET C 52 -13.40 16.11 2.54
CA MET C 52 -14.65 15.42 2.85
C MET C 52 -14.46 13.90 2.67
N LYS C 53 -13.68 13.52 1.64
CA LYS C 53 -13.47 12.06 1.38
C LYS C 53 -12.58 11.47 2.48
N HIS C 54 -11.59 12.22 2.98
CA HIS C 54 -10.81 11.73 4.12
C HIS C 54 -11.73 11.53 5.33
N ALA C 55 -12.59 12.52 5.61
CA ALA C 55 -13.50 12.46 6.77
C ALA C 55 -14.40 11.23 6.63
N ASP C 56 -14.85 10.95 5.42
CA ASP C 56 -15.76 9.84 5.17
C ASP C 56 -15.04 8.52 5.50
N ARG C 57 -13.80 8.39 5.06
CA ARG C 57 -13.02 7.18 5.35
C ARG C 57 -12.79 7.02 6.87
N LEU C 58 -12.52 8.11 7.58
CA LEU C 58 -12.28 8.01 9.04
C LEU C 58 -13.58 7.58 9.75
N ILE C 59 -14.70 8.20 9.32
CA ILE C 59 -15.99 7.87 9.96
C ILE C 59 -16.25 6.39 9.74
N ALA C 60 -16.05 5.89 8.51
CA ALA C 60 -16.36 4.46 8.21
C ALA C 60 -15.50 3.57 9.11
N ARG C 61 -14.21 3.91 9.23
CA ARG C 61 -13.28 3.07 10.05
C ARG C 61 -13.68 3.08 11.52
N ILE C 62 -14.09 4.25 12.04
CA ILE C 62 -14.49 4.36 13.47
C ILE C 62 -15.71 3.43 13.72
N PHE C 63 -16.69 3.49 12.81
CA PHE C 63 -17.88 2.61 13.02
C PHE C 63 -17.43 1.16 13.03
N MET C 64 -16.52 0.84 12.13
CA MET C 64 -16.12 -0.54 11.96
C MET C 64 -15.46 -1.03 13.26
N LEU C 65 -14.78 -0.13 13.97
CA LEU C 65 -14.07 -0.48 15.23
C LEU C 65 -14.97 -0.29 16.44
N ASP C 66 -16.28 -0.11 16.22
CA ASP C 66 -17.25 -0.03 17.33
C ASP C 66 -17.10 1.31 18.09
N GLY C 67 -16.64 2.36 17.43
CA GLY C 67 -16.53 3.67 18.09
C GLY C 67 -17.68 4.55 17.59
N LEU C 68 -17.81 5.72 18.17
CA LEU C 68 -18.74 6.75 17.68
C LEU C 68 -17.92 7.91 17.08
N PRO C 69 -18.12 8.19 15.79
CA PRO C 69 -17.38 9.31 15.18
C PRO C 69 -17.86 10.63 15.78
N ASN C 70 -16.90 11.57 15.96
CA ASN C 70 -17.16 12.88 16.55
C ASN C 70 -17.25 13.92 15.42
N LEU C 71 -18.46 14.32 15.05
CA LEU C 71 -18.67 15.41 14.05
C LEU C 71 -19.11 16.67 14.79
N GLN C 72 -19.03 16.65 16.12
CA GLN C 72 -19.50 17.79 16.88
C GLN C 72 -18.42 18.89 16.94
N ASP C 73 -17.12 18.54 16.98
CA ASP C 73 -16.10 19.51 17.38
C ASP C 73 -15.41 20.05 16.13
N LEU C 74 -14.81 21.24 16.25
CA LEU C 74 -14.07 21.83 15.13
C LEU C 74 -12.93 22.60 15.77
N HIS C 75 -11.76 22.67 15.15
CA HIS C 75 -10.70 23.61 15.61
C HIS C 75 -11.05 25.01 15.09
N LYS C 76 -10.39 25.99 15.65
CA LYS C 76 -10.52 27.34 15.19
C LYS C 76 -10.10 27.45 13.73
N LEU C 77 -10.96 28.02 12.90
CA LEU C 77 -10.60 28.13 11.43
C LEU C 77 -9.54 29.22 11.27
N LEU C 78 -8.58 29.01 10.39
CA LEU C 78 -7.55 30.06 10.14
C LEU C 78 -7.95 30.74 8.82
N ILE C 79 -8.52 31.94 8.92
CA ILE C 79 -9.15 32.55 7.76
C ILE C 79 -8.23 33.66 7.24
N GLY C 80 -7.86 33.61 5.98
CA GLY C 80 -6.98 34.69 5.50
C GLY C 80 -7.76 35.91 5.02
N GLU C 81 -7.13 37.07 5.02
CA GLU C 81 -7.80 38.26 4.56
C GLU C 81 -7.31 38.63 3.16
N ASP C 82 -6.32 37.94 2.64
CA ASP C 82 -5.89 38.13 1.26
C ASP C 82 -5.30 36.81 0.78
N VAL C 83 -4.81 36.75 -0.46
CA VAL C 83 -4.38 35.47 -1.02
C VAL C 83 -3.12 34.96 -0.29
N PRO C 84 -2.08 35.80 -0.10
CA PRO C 84 -0.91 35.31 0.61
C PRO C 84 -1.26 34.73 2.00
N GLU C 85 -2.12 35.40 2.77
CA GLU C 85 -2.48 34.91 4.10
C GLU C 85 -3.32 33.61 3.97
N LEU C 86 -4.21 33.55 2.97
CA LEU C 86 -5.06 32.39 2.80
C LEU C 86 -4.15 31.15 2.62
N LEU C 87 -3.11 31.30 1.77
CA LEU C 87 -2.23 30.15 1.50
C LEU C 87 -1.45 29.79 2.78
N ALA C 88 -1.03 30.81 3.52
CA ALA C 88 -0.23 30.54 4.73
C ALA C 88 -1.12 29.88 5.80
N CYS C 89 -2.40 30.29 5.89
CA CYS C 89 -3.37 29.65 6.82
C CYS C 89 -3.62 28.17 6.46
N ASP C 90 -3.83 27.86 5.16
CA ASP C 90 -3.99 26.45 4.77
C ASP C 90 -2.70 25.66 5.15
N LEU C 91 -1.52 26.24 4.91
CA LEU C 91 -0.28 25.51 5.12
C LEU C 91 -0.16 25.16 6.63
N LYS C 92 -0.46 26.14 7.48
CA LYS C 92 -0.38 25.96 8.93
C LYS C 92 -1.32 24.83 9.38
N LEU C 93 -2.54 24.85 8.83
CA LEU C 93 -3.52 23.81 9.17
C LEU C 93 -2.99 22.41 8.75
N GLU C 94 -2.53 22.26 7.50
CA GLU C 94 -2.01 20.95 7.02
C GLU C 94 -0.77 20.53 7.82
N GLN C 95 0.09 21.46 8.22
CA GLN C 95 1.28 21.08 9.04
C GLN C 95 0.82 20.50 10.38
N ALA C 96 -0.23 21.10 10.98
CA ALA C 96 -0.74 20.61 12.29
C ALA C 96 -1.36 19.21 12.10
N ALA C 97 -2.15 19.02 11.02
CA ALA C 97 -2.79 17.72 10.74
C ALA C 97 -1.69 16.66 10.49
N HIS C 98 -0.61 17.05 9.78
CA HIS C 98 0.47 16.08 9.45
C HIS C 98 1.03 15.51 10.77
N ALA C 99 1.21 16.38 11.74
CA ALA C 99 1.75 15.93 13.07
C ALA C 99 0.80 14.92 13.73
N THR C 100 -0.52 15.15 13.65
CA THR C 100 -1.48 14.19 14.27
C THR C 100 -1.39 12.83 13.56
N VAL C 101 -1.39 12.83 12.23
CA VAL C 101 -1.34 11.61 11.43
C VAL C 101 -0.04 10.85 11.72
N ARG C 102 1.12 11.53 11.76
CA ARG C 102 2.38 10.80 12.02
C ARG C 102 2.30 10.11 13.39
N GLU C 103 1.77 10.83 14.40
CA GLU C 103 1.60 10.25 15.75
C GLU C 103 0.64 9.05 15.68
N ALA C 104 -0.43 9.14 14.86
CA ALA C 104 -1.47 8.11 14.88
C ALA C 104 -0.87 6.85 14.25
N ILE C 105 -0.04 7.06 13.23
CA ILE C 105 0.60 5.89 12.59
C ILE C 105 1.48 5.14 13.60
N ALA C 106 2.31 5.90 14.30
CA ALA C 106 3.26 5.26 15.26
C ALA C 106 2.44 4.48 16.29
N HIS C 107 1.33 5.09 16.72
CA HIS C 107 0.48 4.41 17.74
C HIS C 107 -0.17 3.16 17.14
N CYS C 108 -0.74 3.25 15.92
CA CYS C 108 -1.39 2.05 15.33
C CYS C 108 -0.36 0.94 15.17
N GLU C 109 0.89 1.30 14.78
CA GLU C 109 1.98 0.27 14.66
C GLU C 109 2.21 -0.40 16.03
N SER C 110 2.40 0.39 17.09
CA SER C 110 2.66 -0.11 18.45
C SER C 110 1.56 -1.06 18.92
N VAL C 111 0.27 -0.81 18.59
CA VAL C 111 -0.82 -1.66 19.13
C VAL C 111 -1.24 -2.68 18.07
N ARG C 112 -0.54 -2.70 16.92
CA ARG C 112 -0.78 -3.68 15.85
C ARG C 112 -2.20 -3.52 15.30
N ASP C 113 -2.65 -2.28 15.16
CA ASP C 113 -3.86 -2.09 14.31
C ASP C 113 -3.38 -1.68 12.94
N TYR C 114 -3.01 -2.70 12.16
CA TYR C 114 -2.28 -2.44 10.90
C TYR C 114 -3.21 -1.95 9.78
N VAL C 115 -4.50 -2.28 9.82
CA VAL C 115 -5.42 -1.72 8.81
C VAL C 115 -5.67 -0.24 9.10
N SER C 116 -5.85 0.15 10.38
CA SER C 116 -5.97 1.61 10.62
C SER C 116 -4.67 2.33 10.19
N ARG C 117 -3.54 1.70 10.44
CA ARG C 117 -2.30 2.34 10.02
C ARG C 117 -2.37 2.61 8.50
N ASP C 118 -2.75 1.62 7.68
CA ASP C 118 -2.80 1.85 6.22
C ASP C 118 -3.73 3.02 5.84
N LEU C 119 -4.85 3.22 6.55
CA LEU C 119 -5.70 4.40 6.26
C LEU C 119 -4.94 5.72 6.57
N PHE C 120 -4.33 5.83 7.74
CA PHE C 120 -3.55 7.01 8.07
C PHE C 120 -2.37 7.20 7.07
N GLN C 121 -1.69 6.14 6.59
CA GLN C 121 -0.63 6.30 5.59
C GLN C 121 -1.18 6.99 4.33
N ASP C 122 -2.37 6.57 3.86
CA ASP C 122 -3.03 7.20 2.67
C ASP C 122 -3.26 8.68 2.95
N ILE C 123 -3.79 9.00 4.12
CA ILE C 123 -4.01 10.41 4.47
C ILE C 123 -2.67 11.17 4.52
N LEU C 124 -1.64 10.56 5.09
CA LEU C 124 -0.34 11.30 5.23
C LEU C 124 0.22 11.65 3.85
N ASP C 125 0.09 10.72 2.93
CA ASP C 125 0.56 10.95 1.52
C ASP C 125 -0.16 12.16 0.88
N ASP C 126 -1.49 12.18 1.00
CA ASP C 126 -2.33 13.25 0.42
C ASP C 126 -1.98 14.56 1.11
N THR C 127 -1.69 14.50 2.41
CA THR C 127 -1.39 15.71 3.15
C THR C 127 -0.06 16.32 2.69
N GLU C 128 0.96 15.48 2.52
CA GLU C 128 2.27 16.00 2.05
C GLU C 128 2.14 16.56 0.63
N GLU C 129 1.36 15.92 -0.20
CA GLU C 129 1.12 16.46 -1.57
C GLU C 129 0.53 17.90 -1.48
N HIS C 130 -0.44 18.10 -0.59
CA HIS C 130 -1.08 19.42 -0.41
C HIS C 130 -0.06 20.42 0.19
N ILE C 131 0.76 19.97 1.15
CA ILE C 131 1.72 20.89 1.75
C ILE C 131 2.71 21.33 0.67
N ASP C 132 3.17 20.38 -0.14
CA ASP C 132 4.13 20.71 -1.23
C ASP C 132 3.48 21.74 -2.17
N TYR C 133 2.23 21.51 -2.57
CA TYR C 133 1.50 22.45 -3.42
C TYR C 133 1.50 23.85 -2.78
N LEU C 134 1.19 23.96 -1.47
CA LEU C 134 1.06 25.24 -0.82
C LEU C 134 2.41 25.92 -0.71
N GLU C 135 3.42 25.16 -0.35
CA GLU C 135 4.74 25.78 -0.21
C GLU C 135 5.19 26.28 -1.60
N THR C 136 4.80 25.59 -2.68
CA THR C 136 5.20 26.06 -4.00
C THR C 136 4.46 27.37 -4.34
N GLN C 137 3.16 27.46 -4.07
CA GLN C 137 2.38 28.69 -4.38
C GLN C 137 3.02 29.88 -3.65
N ILE C 138 3.37 29.69 -2.39
CA ILE C 138 3.95 30.75 -1.60
C ILE C 138 5.29 31.17 -2.22
N ASP C 139 6.12 30.21 -2.62
CA ASP C 139 7.37 30.59 -3.32
C ASP C 139 7.08 31.27 -4.66
N LEU C 140 6.05 30.84 -5.41
CA LEU C 140 5.78 31.46 -6.76
C LEU C 140 5.45 32.95 -6.60
N ILE C 141 4.72 33.29 -5.52
CA ILE C 141 4.34 34.67 -5.29
C ILE C 141 5.60 35.53 -5.23
N ASP C 142 6.63 35.06 -4.55
CA ASP C 142 7.85 35.88 -4.49
C ASP C 142 8.57 35.84 -5.85
N LYS C 143 8.53 34.76 -6.60
CA LYS C 143 9.30 34.75 -7.85
C LYS C 143 8.60 35.59 -8.95
N VAL C 144 7.28 35.47 -9.08
CA VAL C 144 6.59 36.14 -10.26
C VAL C 144 6.05 37.49 -9.81
N GLY C 145 6.06 37.70 -8.49
CA GLY C 145 5.53 38.93 -7.83
C GLY C 145 4.03 38.75 -7.61
N LEU C 146 3.48 39.37 -6.59
CA LEU C 146 2.09 39.13 -6.18
C LEU C 146 1.08 39.53 -7.29
N GLN C 147 1.33 40.66 -7.97
CA GLN C 147 0.37 41.13 -9.02
C GLN C 147 0.27 40.10 -10.16
N ASN C 148 1.43 39.55 -10.59
CA ASN C 148 1.37 38.49 -11.64
C ASN C 148 0.70 37.23 -11.09
N TYR C 149 1.07 36.87 -9.85
CA TYR C 149 0.51 35.63 -9.28
C TYR C 149 -1.02 35.70 -9.32
N LEU C 150 -1.57 36.79 -8.85
CA LEU C 150 -3.05 37.02 -8.75
C LEU C 150 -3.62 37.08 -10.16
N GLN C 151 -2.91 37.74 -11.07
CA GLN C 151 -3.39 37.78 -12.50
C GLN C 151 -3.59 36.34 -13.01
N SER C 152 -2.62 35.47 -12.73
CA SER C 152 -2.70 34.11 -13.21
C SER C 152 -3.86 33.35 -12.55
N GLN C 153 -4.36 33.79 -11.41
CA GLN C 153 -5.48 33.06 -10.72
C GLN C 153 -6.88 33.56 -11.19
N MET C 154 -6.98 34.56 -12.06
CA MET C 154 -8.32 35.16 -12.48
C MET C 154 -9.15 34.23 -13.37
CHA HEM D . 12.17 6.74 -21.72
CHB HEM D . 13.63 8.62 -17.43
CHC HEM D . 18.27 7.60 -18.65
CHD HEM D . 16.84 5.67 -22.89
C1A HEM D . 12.23 7.30 -20.43
C2A HEM D . 11.07 7.56 -19.63
C3A HEM D . 11.46 8.08 -18.43
C4A HEM D . 12.86 8.16 -18.48
CMA HEM D . 10.57 8.51 -17.27
CAA HEM D . 9.65 7.29 -20.06
CBA HEM D . 9.15 6.04 -19.31
CGA HEM D . 7.73 5.80 -19.83
O1A HEM D . 6.77 6.51 -19.38
O2A HEM D . 7.50 4.94 -20.72
C1B HEM D . 15.03 8.45 -17.43
C2B HEM D . 15.81 8.88 -16.31
C3B HEM D . 17.14 8.63 -16.65
C4B HEM D . 17.12 8.00 -17.99
CMB HEM D . 15.21 9.50 -15.05
CAB HEM D . 18.40 8.85 -15.89
CBB HEM D . 18.60 10.01 -15.28
C1C HEM D . 18.30 6.98 -19.88
C2C HEM D . 19.46 6.44 -20.47
C3C HEM D . 19.06 5.89 -21.72
C4C HEM D . 17.63 6.09 -21.83
CMC HEM D . 20.82 6.56 -19.81
CAC HEM D . 19.86 5.21 -22.78
CBC HEM D . 21.15 5.48 -22.94
C1D HEM D . 15.45 5.79 -22.87
C2D HEM D . 14.63 5.31 -24.00
C3D HEM D . 13.35 5.61 -23.66
C4D HEM D . 13.37 6.28 -22.34
CMD HEM D . 15.12 4.65 -25.27
CAD HEM D . 12.09 5.34 -24.47
CBD HEM D . 11.40 6.69 -24.56
CGD HEM D . 10.66 6.81 -25.88
O1D HEM D . 11.28 7.27 -26.89
O2D HEM D . 9.46 6.45 -25.94
NA HEM D . 13.35 7.67 -19.70
NB HEM D . 15.84 7.94 -18.39
NC HEM D . 17.23 6.76 -20.68
ND HEM D . 14.66 6.37 -21.90
FE HEM D . 15.24 7.15 -20.25
FE FE2 E . 14.53 -0.09 -9.55
C1 PEG F . 17.27 -10.87 -2.10
O1 PEG F . 18.71 -10.74 -2.22
C2 PEG F . 16.92 -11.39 -0.73
O2 PEG F . 15.49 -11.36 -0.45
C3 PEG F . 15.06 -12.08 0.74
C4 PEG F . 13.51 -12.10 0.74
O4 PEG F . 13.01 -11.04 1.57
C1 PEG G . 12.00 12.11 14.19
O1 PEG G . 10.90 12.91 14.67
C2 PEG G . 13.12 12.95 13.59
O2 PEG G . 14.33 12.19 13.51
C3 PEG G . 15.46 12.79 14.15
C4 PEG G . 16.68 12.70 13.22
O4 PEG G . 17.83 13.35 13.79
BA BA H . 15.42 -27.00 -30.04
CL CL I . 11.87 -24.21 -30.79
FE FE2 J . -8.40 -14.92 3.10
CHA HEM K . -12.08 -20.78 -9.27
CHB HEM K . -7.84 -21.38 -6.82
CHC HEM K . -9.96 -24.90 -4.12
CHD HEM K . -14.07 -24.45 -6.63
C1A HEM K . -10.78 -20.64 -8.77
C2A HEM K . -9.88 -19.62 -9.19
C3A HEM K . -8.70 -19.77 -8.51
C4A HEM K . -8.84 -20.91 -7.67
CMA HEM K . -7.48 -18.90 -8.64
CAA HEM K . -10.19 -18.52 -10.18
CBA HEM K . -10.57 -17.30 -9.32
CGA HEM K . -10.73 -16.06 -10.17
O1A HEM K . -11.88 -15.61 -10.42
O2A HEM K . -9.72 -15.47 -10.64
C1B HEM K . -8.12 -22.38 -5.87
C2B HEM K . -7.14 -22.87 -4.94
C3B HEM K . -7.71 -23.85 -4.19
C4B HEM K . -9.09 -23.98 -4.69
CMB HEM K . -5.73 -22.39 -4.76
CAB HEM K . -7.16 -24.68 -3.11
CBB HEM K . -8.03 -25.52 -2.51
C1C HEM K . -11.24 -25.08 -4.54
C2C HEM K . -12.12 -26.01 -3.96
C3C HEM K . -13.33 -25.91 -4.69
C4C HEM K . -13.14 -24.88 -5.70
CMC HEM K . -11.72 -26.89 -2.81
CAC HEM K . -14.54 -26.70 -4.47
CBC HEM K . -15.49 -26.59 -5.42
C1D HEM K . -13.82 -23.41 -7.55
C2D HEM K . -14.87 -22.96 -8.51
C3D HEM K . -14.30 -21.94 -9.24
C4D HEM K . -12.92 -21.78 -8.73
CMD HEM K . -16.27 -23.57 -8.62
CAD HEM K . -14.89 -21.09 -10.36
CBD HEM K . -14.22 -21.47 -11.69
CGD HEM K . -14.90 -20.85 -12.91
O1D HEM K . -14.24 -20.09 -13.62
O2D HEM K . -16.10 -21.09 -13.21
NA HEM K . -10.13 -21.43 -7.81
NB HEM K . -9.26 -23.09 -5.68
NC HEM K . -11.86 -24.40 -5.56
ND HEM K . -12.68 -22.68 -7.72
FE HEM K . -11.06 -22.87 -6.74
C1 PEG L . -9.39 -4.16 15.27
O1 PEG L . -8.21 -4.19 14.47
C2 PEG L . -9.69 -5.53 15.87
O2 PEG L . -9.77 -6.57 14.90
C3 PEG L . -10.80 -7.49 15.24
C4 PEG L . -10.36 -8.87 15.59
O4 PEG L . -11.32 -9.82 15.10
BA BA M . -41.82 -9.61 5.40
CL CL N . -39.87 -8.32 0.96
C1 PEG O . 8.57 14.85 5.64
O1 PEG O . 8.76 13.60 6.35
C2 PEG O . 8.38 16.00 6.65
O2 PEG O . 7.04 16.59 6.65
C3 PEG O . 6.82 17.84 7.41
C4 PEG O . 5.44 18.49 7.23
O4 PEG O . 5.21 19.60 8.15
CHA HEM P . -19.70 16.71 -1.90
CHB HEM P . -18.88 14.52 2.40
CHC HEM P . -19.16 18.89 4.66
CHD HEM P . -20.12 21.06 0.39
C1A HEM P . -19.36 15.79 -0.91
C2A HEM P . -18.94 14.47 -1.16
C3A HEM P . -18.71 13.83 0.03
C4A HEM P . -18.99 14.77 1.05
CMA HEM P . -18.23 12.39 0.26
CAA HEM P . -18.77 13.87 -2.54
CBA HEM P . -17.31 13.44 -2.72
CGA HEM P . -17.06 13.14 -4.19
O1A HEM P . -16.77 14.06 -5.00
O2A HEM P . -17.15 11.97 -4.60
C1B HEM P . -18.90 15.56 3.36
C2B HEM P . -18.68 15.32 4.76
C3B HEM P . -18.76 16.52 5.41
C4B HEM P . -19.03 17.54 4.35
CMB HEM P . -18.41 13.98 5.38
CAB HEM P . -18.63 16.81 6.85
CBB HEM P . -19.20 15.96 7.69
C1C HEM P . -19.41 19.86 3.71
C2C HEM P . -19.48 21.25 3.95
C3C HEM P . -19.74 21.85 2.74
C4C HEM P . -19.87 20.85 1.73
CMC HEM P . -19.28 22.04 5.21
CAC HEM P . -19.89 23.32 2.67
CBC HEM P . -20.87 23.78 1.90
C1D HEM P . -20.06 20.02 -0.54
C2D HEM P . -20.30 20.27 -1.97
C3D HEM P . -20.19 19.09 -2.61
C4D HEM P . -19.89 18.07 -1.57
CMD HEM P . -20.61 21.63 -2.56
CAD HEM P . -20.35 18.81 -4.10
CBD HEM P . -21.61 17.96 -4.30
CGD HEM P . -21.61 17.25 -5.65
O1D HEM P . -21.94 17.88 -6.69
O2D HEM P . -21.31 16.02 -5.72
NA HEM P . -19.39 15.98 0.47
NB HEM P . -19.11 16.89 3.17
NC HEM P . -19.63 19.63 2.36
ND HEM P . -19.84 18.68 -0.34
FE HEM P . -19.47 17.83 1.33
FE FE2 Q . -7.24 15.26 4.64
BA BA R . 2.05 40.25 -16.48
CL CL S . -0.50 36.40 -18.72
#